data_4AZ3
#
_entry.id   4AZ3
#
_cell.length_a   90.590
_cell.length_b   102.800
_cell.length_c   48.390
_cell.angle_alpha   90.00
_cell.angle_beta   101.87
_cell.angle_gamma   90.00
#
_symmetry.space_group_name_H-M   'C 1 2 1'
#
loop_
_entity.id
_entity.type
_entity.pdbx_description
1 polymer 'LYSOSOMAL PROTECTIVE PROTEIN 32 KDA CHAIN'
2 polymer 'LYSOSOMAL PROTECTIVE PROTEIN 20 KDA CHAIN'
3 branched 2-acetamido-2-deoxy-beta-D-glucopyranose-(1-4)-2-acetamido-2-deoxy-beta-D-glucopyranose
4 non-polymer '(3S)-3-({[1-(2-fluorophenyl)-5-{[(2R)-2-hydroxy-3,3-dimethylbutyl]oxy}-1H-pyrazol-3-yl]carbonyl}amino)-3-(2-methylphenyl)propanoic acid'
5 non-polymer 'CADMIUM ION'
6 water water
#
loop_
_entity_poly.entity_id
_entity_poly.type
_entity_poly.pdbx_seq_one_letter_code
_entity_poly.pdbx_strand_id
1 'polypeptide(L)'
;SRAPDQDEIQRLPGLAKQPSFRQYSGYLKGSGSKHLHYWFVESQKDPENSPVVLWLNGGPGCSSLDGLLTEHGPFLVQPD
GVTLEYNPYSWNLIANVLYLESPAGVGFSYSDDKFYATNDTEVAQSNFEALQDFFRLFPEYKNNKLFLTGESYAGIYIPT
LAVLVMQDPSMNLQGLAVGNGLSSYEQNDNSLVYFAYYHGLLGNRLWSSLQTHCCSQNKCNFYDNKDLECVTNLQEVARI
VGNSGLNIYNLYAPCAGGVPSHFRYEKDTVVVQDLGNIFTRLPLKRMWHQALLRSGDKVR
;
A
2 'polypeptide(L)'
;MDPPCTNTTAASTYLNNPYVRKALNIPEQLPQWDMCNFLVNLQYRRLYRSMNSQYLKLLSSQKYQILLYNGDVDMACNFM
GDEWFVDSLNQKMEVQRRPWLVKYGDSGEQIAGFVKEFSHIAFLTIKGAGHMVPTDKPLAAFTMFSRFLNKQPYE
;
B
#
# COMPACT_ATOMS: atom_id res chain seq x y z
N ARG A 2 -9.52 -21.92 19.17
CA ARG A 2 -8.48 -22.07 18.15
C ARG A 2 -8.60 -21.04 17.03
N ALA A 3 -9.85 -20.66 16.67
CA ALA A 3 -10.19 -19.69 15.62
C ALA A 3 -11.61 -19.14 15.85
N PRO A 4 -11.94 -17.88 15.46
CA PRO A 4 -13.31 -17.40 15.68
C PRO A 4 -14.25 -17.94 14.61
N ASP A 5 -14.96 -19.03 14.95
CA ASP A 5 -15.94 -19.69 14.07
C ASP A 5 -17.10 -18.76 13.68
N GLN A 6 -17.39 -17.75 14.53
CA GLN A 6 -18.45 -16.75 14.33
C GLN A 6 -18.10 -15.77 13.20
N ASP A 7 -16.79 -15.49 12.99
CA ASP A 7 -16.29 -14.57 11.97
C ASP A 7 -16.11 -15.21 10.58
N GLU A 8 -16.20 -16.55 10.50
CA GLU A 8 -16.00 -17.29 9.25
C GLU A 8 -17.06 -17.00 8.20
N ILE A 9 -16.60 -16.70 6.97
CA ILE A 9 -17.47 -16.44 5.82
C ILE A 9 -17.92 -17.80 5.28
N GLN A 10 -19.24 -18.05 5.27
CA GLN A 10 -19.82 -19.30 4.82
C GLN A 10 -19.94 -19.36 3.29
N ARG A 11 -20.85 -18.54 2.71
CA ARG A 11 -21.10 -18.47 1.27
C ARG A 11 -21.06 -17.01 0.81
N LEU A 12 -19.96 -16.64 0.16
CA LEU A 12 -19.76 -15.28 -0.33
C LEU A 12 -20.47 -15.07 -1.68
N PRO A 13 -21.37 -14.06 -1.78
CA PRO A 13 -22.07 -13.83 -3.06
C PRO A 13 -21.14 -13.40 -4.18
N GLY A 14 -21.44 -13.82 -5.40
CA GLY A 14 -20.65 -13.50 -6.58
C GLY A 14 -19.62 -14.55 -6.97
N LEU A 15 -19.34 -15.51 -6.06
CA LEU A 15 -18.39 -16.59 -6.32
C LEU A 15 -19.10 -17.82 -6.90
N ALA A 16 -18.75 -18.19 -8.13
CA ALA A 16 -19.32 -19.34 -8.84
C ALA A 16 -18.85 -20.68 -8.25
N LYS A 17 -17.65 -20.69 -7.65
CA LYS A 17 -17.05 -21.87 -7.03
C LYS A 17 -16.67 -21.52 -5.60
N GLN A 18 -16.87 -22.45 -4.66
CA GLN A 18 -16.52 -22.23 -3.25
C GLN A 18 -15.00 -22.28 -3.06
N PRO A 19 -14.43 -21.43 -2.16
CA PRO A 19 -12.96 -21.43 -1.98
C PRO A 19 -12.41 -22.71 -1.36
N SER A 20 -11.14 -22.99 -1.66
CA SER A 20 -10.41 -24.15 -1.12
C SER A 20 -9.83 -23.80 0.26
N PHE A 21 -9.75 -22.49 0.56
CA PHE A 21 -9.21 -21.91 1.79
C PHE A 21 -10.32 -21.35 2.69
N ARG A 22 -10.05 -21.32 4.01
CA ARG A 22 -10.97 -20.73 4.98
C ARG A 22 -10.77 -19.21 4.99
N GLN A 23 -11.87 -18.46 5.14
CA GLN A 23 -11.82 -17.01 5.19
C GLN A 23 -12.70 -16.43 6.27
N TYR A 24 -12.22 -15.36 6.92
CA TYR A 24 -12.89 -14.73 8.06
C TYR A 24 -13.09 -13.24 7.87
N SER A 25 -14.21 -12.72 8.36
CA SER A 25 -14.55 -11.30 8.32
C SER A 25 -15.23 -10.92 9.64
N GLY A 26 -14.59 -10.01 10.36
CA GLY A 26 -15.08 -9.55 11.65
C GLY A 26 -14.36 -8.30 12.13
N TYR A 27 -14.24 -8.17 13.46
CA TYR A 27 -13.62 -6.98 14.05
C TYR A 27 -12.45 -7.26 14.98
N LEU A 28 -11.43 -6.40 14.89
CA LEU A 28 -10.24 -6.42 15.75
C LEU A 28 -10.31 -5.19 16.62
N LYS A 29 -10.08 -5.36 17.93
CA LYS A 29 -10.14 -4.25 18.87
C LYS A 29 -8.88 -3.40 18.81
N GLY A 30 -9.07 -2.12 18.52
CA GLY A 30 -8.00 -1.12 18.50
C GLY A 30 -7.96 -0.43 19.84
N SER A 31 -7.42 0.80 19.88
CA SER A 31 -7.35 1.59 21.10
C SER A 31 -8.71 2.25 21.36
N GLY A 32 -8.98 2.59 22.63
CA GLY A 32 -10.23 3.23 23.05
C GLY A 32 -11.46 2.42 22.70
N SER A 33 -12.39 3.03 21.94
CA SER A 33 -13.63 2.40 21.50
C SER A 33 -13.61 2.01 20.01
N LYS A 34 -12.40 1.89 19.42
CA LYS A 34 -12.22 1.55 18.00
C LYS A 34 -12.35 0.06 17.71
N HIS A 35 -13.14 -0.27 16.66
CA HIS A 35 -13.36 -1.64 16.19
C HIS A 35 -12.99 -1.65 14.71
N LEU A 36 -11.83 -2.25 14.38
CA LEU A 36 -11.32 -2.28 13.01
C LEU A 36 -11.76 -3.53 12.26
N HIS A 37 -12.45 -3.34 11.13
CA HIS A 37 -12.92 -4.44 10.30
C HIS A 37 -11.79 -5.12 9.56
N TYR A 38 -11.71 -6.44 9.72
CA TYR A 38 -10.70 -7.26 9.06
C TYR A 38 -11.37 -8.28 8.13
N TRP A 39 -10.63 -8.67 7.09
CA TRP A 39 -11.00 -9.72 6.15
C TRP A 39 -9.71 -10.52 6.00
N PHE A 40 -9.69 -11.69 6.62
CA PHE A 40 -8.53 -12.58 6.65
C PHE A 40 -8.73 -13.75 5.70
N VAL A 41 -7.79 -13.91 4.76
CA VAL A 41 -7.82 -14.98 3.77
C VAL A 41 -6.64 -15.93 4.00
N GLU A 42 -6.93 -17.17 4.44
CA GLU A 42 -5.90 -18.16 4.71
C GLU A 42 -5.22 -18.63 3.43
N SER A 43 -3.99 -19.14 3.56
CA SER A 43 -3.20 -19.62 2.42
C SER A 43 -3.86 -20.78 1.68
N GLN A 44 -3.77 -20.74 0.35
CA GLN A 44 -4.30 -21.77 -0.54
C GLN A 44 -3.43 -23.04 -0.49
N LYS A 45 -2.18 -22.89 -0.02
CA LYS A 45 -1.22 -23.97 0.15
C LYS A 45 -0.61 -23.89 1.56
N ASP A 46 -0.85 -24.93 2.38
CA ASP A 46 -0.37 -25.09 3.76
C ASP A 46 -0.64 -23.84 4.65
N PRO A 47 -1.92 -23.53 5.01
CA PRO A 47 -2.18 -22.34 5.84
C PRO A 47 -1.54 -22.34 7.23
N GLU A 48 -1.42 -23.54 7.85
CA GLU A 48 -0.83 -23.71 9.19
C GLU A 48 0.63 -23.27 9.30
N ASN A 49 1.42 -23.47 8.22
CA ASN A 49 2.84 -23.08 8.21
C ASN A 49 3.18 -21.85 7.37
N SER A 50 2.24 -21.40 6.52
CA SER A 50 2.43 -20.22 5.66
C SER A 50 2.52 -18.92 6.49
N PRO A 51 3.28 -17.91 6.01
CA PRO A 51 3.40 -16.67 6.78
C PRO A 51 2.10 -15.87 6.89
N VAL A 52 1.99 -15.06 7.95
CA VAL A 52 0.86 -14.15 8.18
C VAL A 52 1.27 -12.79 7.63
N VAL A 53 0.52 -12.29 6.64
CA VAL A 53 0.82 -11.02 5.97
C VAL A 53 -0.28 -9.98 6.16
N LEU A 54 0.05 -8.88 6.85
CA LEU A 54 -0.90 -7.78 7.03
C LEU A 54 -0.81 -6.85 5.83
N TRP A 55 -1.96 -6.44 5.28
CA TRP A 55 -2.00 -5.50 4.16
C TRP A 55 -2.79 -4.25 4.55
N LEU A 56 -2.18 -3.08 4.35
CA LEU A 56 -2.81 -1.80 4.64
C LEU A 56 -2.79 -0.91 3.42
N ASN A 57 -3.96 -0.37 3.04
CA ASN A 57 -4.00 0.62 1.96
C ASN A 57 -3.78 2.00 2.61
N GLY A 58 -3.51 3.02 1.80
CA GLY A 58 -3.19 4.35 2.29
C GLY A 58 -4.35 5.33 2.45
N GLY A 59 -4.16 6.50 1.84
CA GLY A 59 -5.10 7.62 1.88
C GLY A 59 -4.43 8.86 2.41
N PRO A 60 -4.44 9.14 3.74
CA PRO A 60 -5.10 8.38 4.83
C PRO A 60 -6.61 8.38 4.68
N GLY A 61 -7.25 7.29 5.09
CA GLY A 61 -8.70 7.14 5.03
C GLY A 61 -9.22 6.15 4.01
N CYS A 62 -8.33 5.49 3.25
CA CYS A 62 -8.74 4.52 2.24
C CYS A 62 -8.72 3.09 2.77
N SER A 63 -9.68 2.28 2.29
CA SER A 63 -9.90 0.89 2.70
C SER A 63 -8.95 -0.12 2.10
N SER A 64 -8.48 -1.06 2.95
CA SER A 64 -7.60 -2.16 2.57
C SER A 64 -8.33 -3.23 1.75
N LEU A 65 -9.68 -3.14 1.66
CA LEU A 65 -10.49 -4.05 0.86
C LEU A 65 -10.30 -3.77 -0.64
N ASP A 66 -9.69 -2.60 -0.98
CA ASP A 66 -9.29 -2.22 -2.33
C ASP A 66 -8.19 -3.20 -2.73
N GLY A 67 -7.28 -3.48 -1.78
CA GLY A 67 -6.19 -4.43 -1.94
C GLY A 67 -6.70 -5.83 -2.24
N LEU A 68 -7.76 -6.24 -1.53
CA LEU A 68 -8.37 -7.55 -1.73
C LEU A 68 -9.13 -7.63 -3.06
N LEU A 69 -10.19 -6.83 -3.20
CA LEU A 69 -11.07 -6.87 -4.38
C LEU A 69 -10.55 -6.32 -5.70
N THR A 70 -9.49 -5.48 -5.70
CA THR A 70 -8.99 -4.91 -6.95
C THR A 70 -7.49 -5.12 -7.20
N GLU A 71 -6.72 -5.48 -6.17
CA GLU A 71 -5.27 -5.62 -6.32
C GLU A 71 -4.70 -7.04 -6.31
N HIS A 72 -4.60 -7.68 -5.12
CA HIS A 72 -3.98 -9.00 -4.97
C HIS A 72 -4.74 -10.03 -4.11
N GLY A 73 -6.04 -9.82 -3.95
CA GLY A 73 -6.88 -10.74 -3.17
C GLY A 73 -7.15 -12.04 -3.91
N PRO A 74 -7.77 -13.05 -3.23
CA PRO A 74 -8.03 -14.34 -3.90
C PRO A 74 -9.01 -14.29 -5.07
N PHE A 75 -9.92 -13.30 -5.04
CA PHE A 75 -10.93 -13.05 -6.05
C PHE A 75 -11.05 -11.55 -6.25
N LEU A 76 -11.27 -11.12 -7.50
CA LEU A 76 -11.38 -9.72 -7.86
C LEU A 76 -12.77 -9.37 -8.36
N VAL A 77 -13.27 -8.20 -7.95
CA VAL A 77 -14.59 -7.70 -8.35
C VAL A 77 -14.60 -7.31 -9.82
N GLN A 78 -15.64 -7.75 -10.55
CA GLN A 78 -15.82 -7.49 -11.98
C GLN A 78 -16.57 -6.17 -12.20
N PRO A 79 -16.51 -5.55 -13.41
CA PRO A 79 -17.21 -4.26 -13.63
C PRO A 79 -18.70 -4.21 -13.32
N ASP A 80 -19.40 -5.37 -13.27
CA ASP A 80 -20.83 -5.40 -12.95
C ASP A 80 -21.11 -5.12 -11.45
N GLY A 81 -20.07 -5.24 -10.62
CA GLY A 81 -20.13 -5.03 -9.18
C GLY A 81 -20.92 -6.10 -8.46
N VAL A 82 -21.06 -7.28 -9.09
CA VAL A 82 -21.81 -8.43 -8.58
C VAL A 82 -20.90 -9.68 -8.61
N THR A 83 -20.24 -9.93 -9.75
CA THR A 83 -19.39 -11.09 -10.00
C THR A 83 -17.99 -10.95 -9.42
N LEU A 84 -17.49 -12.03 -8.80
CA LEU A 84 -16.12 -12.13 -8.29
C LEU A 84 -15.44 -13.24 -9.08
N GLU A 85 -14.24 -12.98 -9.60
CA GLU A 85 -13.49 -13.98 -10.35
C GLU A 85 -12.19 -14.28 -9.63
N TYR A 86 -11.83 -15.58 -9.53
CA TYR A 86 -10.60 -16.03 -8.87
C TYR A 86 -9.35 -15.42 -9.49
N ASN A 87 -8.43 -14.98 -8.64
CA ASN A 87 -7.19 -14.33 -9.05
C ASN A 87 -6.04 -15.35 -9.08
N PRO A 88 -5.49 -15.68 -10.28
CA PRO A 88 -4.38 -16.64 -10.33
C PRO A 88 -3.04 -16.11 -9.83
N TYR A 89 -2.98 -14.80 -9.49
CA TYR A 89 -1.77 -14.16 -8.97
C TYR A 89 -1.97 -13.63 -7.55
N SER A 90 -3.00 -14.15 -6.86
CA SER A 90 -3.35 -13.81 -5.49
C SER A 90 -2.20 -14.02 -4.53
N TRP A 91 -2.01 -13.07 -3.61
CA TRP A 91 -0.95 -13.15 -2.61
C TRP A 91 -1.26 -14.22 -1.56
N ASN A 92 -2.55 -14.65 -1.44
CA ASN A 92 -2.97 -15.71 -0.53
C ASN A 92 -2.66 -17.15 -1.03
N LEU A 93 -2.02 -17.27 -2.22
CA LEU A 93 -1.61 -18.57 -2.76
C LEU A 93 -0.48 -19.17 -1.92
N ILE A 94 0.33 -18.30 -1.29
CA ILE A 94 1.51 -18.66 -0.50
C ILE A 94 1.54 -17.99 0.90
N ALA A 95 0.46 -17.31 1.31
CA ALA A 95 0.40 -16.61 2.61
C ALA A 95 -1.01 -16.45 3.16
N ASN A 96 -1.11 -16.32 4.48
CA ASN A 96 -2.36 -16.05 5.19
C ASN A 96 -2.43 -14.52 5.23
N VAL A 97 -3.28 -13.92 4.37
CA VAL A 97 -3.35 -12.46 4.21
C VAL A 97 -4.46 -11.78 5.01
N LEU A 98 -4.05 -10.87 5.90
CA LEU A 98 -4.92 -10.08 6.76
C LEU A 98 -5.11 -8.66 6.20
N TYR A 99 -6.29 -8.41 5.61
CA TYR A 99 -6.64 -7.10 5.08
C TYR A 99 -7.37 -6.36 6.18
N LEU A 100 -6.79 -5.24 6.66
CA LEU A 100 -7.35 -4.49 7.77
C LEU A 100 -7.79 -3.08 7.38
N GLU A 101 -9.09 -2.78 7.52
CA GLU A 101 -9.65 -1.46 7.23
C GLU A 101 -9.25 -0.59 8.41
N SER A 102 -8.31 0.33 8.18
CA SER A 102 -7.74 1.17 9.23
C SER A 102 -7.38 2.59 8.72
N PRO A 103 -7.49 3.65 9.56
CA PRO A 103 -7.96 3.69 10.96
C PRO A 103 -9.48 3.55 11.13
N ALA A 104 -10.00 3.81 12.34
CA ALA A 104 -11.44 3.73 12.62
C ALA A 104 -12.21 4.71 11.73
N GLY A 105 -13.36 4.26 11.23
CA GLY A 105 -14.19 5.05 10.33
C GLY A 105 -13.99 4.72 8.88
N VAL A 106 -12.92 3.96 8.57
CA VAL A 106 -12.57 3.54 7.20
C VAL A 106 -13.36 2.29 6.82
N GLY A 107 -14.17 2.41 5.78
CA GLY A 107 -15.01 1.34 5.28
C GLY A 107 -16.03 0.88 6.30
N PHE A 108 -15.87 -0.38 6.77
CA PHE A 108 -16.75 -0.96 7.79
C PHE A 108 -16.22 -0.79 9.22
N SER A 109 -14.98 -0.25 9.38
CA SER A 109 -14.40 0.02 10.69
C SER A 109 -15.11 1.21 11.31
N TYR A 110 -15.20 1.22 12.66
CA TYR A 110 -15.92 2.26 13.38
C TYR A 110 -15.43 2.40 14.82
N SER A 111 -15.97 3.40 15.53
CA SER A 111 -15.73 3.64 16.95
C SER A 111 -17.07 3.97 17.61
N ASP A 112 -17.25 3.58 18.88
CA ASP A 112 -18.50 3.80 19.61
C ASP A 112 -18.88 5.27 19.79
N ASP A 113 -17.87 6.16 19.96
CA ASP A 113 -18.08 7.60 20.10
C ASP A 113 -18.16 8.33 18.74
N LYS A 114 -17.82 7.61 17.64
CA LYS A 114 -17.81 8.07 16.25
C LYS A 114 -16.82 9.23 15.96
N PHE A 115 -15.80 9.40 16.82
CA PHE A 115 -14.77 10.44 16.62
C PHE A 115 -13.61 9.87 15.84
N TYR A 116 -13.51 10.27 14.57
CA TYR A 116 -12.51 9.76 13.64
C TYR A 116 -11.27 10.61 13.41
N ALA A 117 -11.12 11.72 14.17
CA ALA A 117 -9.95 12.59 14.12
C ALA A 117 -8.77 11.82 14.75
N THR A 118 -7.70 11.60 13.98
CA THR A 118 -6.55 10.82 14.44
C THR A 118 -5.20 11.35 13.92
N ASN A 119 -4.10 10.65 14.27
CA ASN A 119 -2.74 11.00 13.87
C ASN A 119 -1.85 9.75 13.71
N ASP A 120 -0.64 9.92 13.13
CA ASP A 120 0.32 8.82 12.89
C ASP A 120 0.61 7.93 14.11
N THR A 121 0.84 8.54 15.29
CA THR A 121 1.13 7.82 16.54
C THR A 121 -0.06 7.01 17.05
N GLU A 122 -1.28 7.60 17.03
CA GLU A 122 -2.50 6.92 17.47
C GLU A 122 -2.84 5.74 16.55
N VAL A 123 -2.68 5.93 15.22
CA VAL A 123 -2.95 4.90 14.20
C VAL A 123 -2.04 3.68 14.37
N ALA A 124 -0.73 3.91 14.61
CA ALA A 124 0.26 2.84 14.81
C ALA A 124 -0.07 2.03 16.06
N GLN A 125 -0.43 2.70 17.17
CA GLN A 125 -0.79 2.07 18.44
C GLN A 125 -2.09 1.28 18.33
N SER A 126 -3.10 1.83 17.62
CA SER A 126 -4.39 1.17 17.39
C SER A 126 -4.21 -0.07 16.50
N ASN A 127 -3.34 0.02 15.47
CA ASN A 127 -3.00 -1.09 14.57
C ASN A 127 -2.25 -2.17 15.33
N PHE A 128 -1.39 -1.78 16.29
CA PHE A 128 -0.63 -2.70 17.14
C PHE A 128 -1.57 -3.48 18.04
N GLU A 129 -2.54 -2.81 18.68
CA GLU A 129 -3.55 -3.43 19.54
C GLU A 129 -4.47 -4.34 18.71
N ALA A 130 -4.75 -3.97 17.45
CA ALA A 130 -5.56 -4.76 16.52
C ALA A 130 -4.86 -6.08 16.20
N LEU A 131 -3.52 -6.03 15.95
CA LEU A 131 -2.69 -7.20 15.68
C LEU A 131 -2.68 -8.14 16.88
N GLN A 132 -2.60 -7.57 18.12
CA GLN A 132 -2.64 -8.32 19.39
C GLN A 132 -3.98 -9.06 19.50
N ASP A 133 -5.09 -8.39 19.11
CA ASP A 133 -6.42 -8.98 19.12
C ASP A 133 -6.53 -10.11 18.09
N PHE A 134 -5.89 -9.94 16.91
CA PHE A 134 -5.86 -10.96 15.86
C PHE A 134 -5.22 -12.25 16.39
N PHE A 135 -4.08 -12.12 17.10
CA PHE A 135 -3.38 -13.25 17.68
C PHE A 135 -4.13 -13.89 18.85
N ARG A 136 -5.00 -13.13 19.54
CA ARG A 136 -5.86 -13.66 20.60
C ARG A 136 -7.00 -14.45 19.95
N LEU A 137 -7.51 -13.97 18.82
CA LEU A 137 -8.60 -14.62 18.07
C LEU A 137 -8.12 -15.82 17.26
N PHE A 138 -6.88 -15.75 16.74
CA PHE A 138 -6.26 -16.82 15.97
C PHE A 138 -4.95 -17.28 16.68
N PRO A 139 -5.03 -17.99 17.84
CA PRO A 139 -3.80 -18.38 18.55
C PRO A 139 -2.87 -19.33 17.81
N GLU A 140 -3.39 -20.11 16.84
CA GLU A 140 -2.59 -21.05 16.06
C GLU A 140 -1.62 -20.35 15.07
N TYR A 141 -1.78 -19.01 14.90
CA TYR A 141 -0.96 -18.19 14.01
C TYR A 141 0.12 -17.34 14.70
N LYS A 142 0.24 -17.46 16.04
CA LYS A 142 1.20 -16.72 16.86
C LYS A 142 2.67 -16.94 16.51
N ASN A 143 3.06 -18.19 16.19
CA ASN A 143 4.45 -18.54 15.86
C ASN A 143 4.81 -18.42 14.38
N ASN A 144 3.80 -18.19 13.52
CA ASN A 144 3.96 -18.03 12.07
C ASN A 144 4.75 -16.77 11.75
N LYS A 145 5.53 -16.80 10.66
CA LYS A 145 6.34 -15.67 10.20
C LYS A 145 5.41 -14.49 9.90
N LEU A 146 5.67 -13.33 10.52
CA LEU A 146 4.83 -12.15 10.34
C LEU A 146 5.50 -11.12 9.45
N PHE A 147 4.76 -10.68 8.42
CA PHE A 147 5.19 -9.66 7.47
C PHE A 147 4.15 -8.54 7.43
N LEU A 148 4.61 -7.27 7.55
CA LEU A 148 3.73 -6.11 7.54
C LEU A 148 3.87 -5.40 6.19
N THR A 149 2.80 -5.40 5.38
CA THR A 149 2.84 -4.82 4.03
C THR A 149 1.80 -3.71 3.83
N GLY A 150 2.09 -2.80 2.90
CA GLY A 150 1.19 -1.68 2.62
C GLY A 150 1.46 -0.89 1.37
N GLU A 151 0.55 0.07 1.08
CA GLU A 151 0.57 0.94 -0.09
C GLU A 151 0.35 2.42 0.24
N SER A 152 1.01 3.31 -0.52
CA SER A 152 0.89 4.79 -0.46
C SER A 152 1.18 5.37 0.93
N TYR A 153 0.15 5.91 1.64
CA TYR A 153 0.34 6.44 2.99
C TYR A 153 0.76 5.37 3.98
N ALA A 154 0.56 4.07 3.63
CA ALA A 154 1.03 2.95 4.45
C ALA A 154 2.57 2.90 4.51
N GLY A 155 3.21 3.81 3.76
CA GLY A 155 4.65 4.03 3.77
C GLY A 155 5.05 4.68 5.08
N ILE A 156 4.05 5.23 5.80
CA ILE A 156 4.15 5.84 7.12
C ILE A 156 3.56 4.81 8.13
N TYR A 157 2.37 4.25 7.81
CA TYR A 157 1.66 3.26 8.65
C TYR A 157 2.54 2.07 9.03
N ILE A 158 3.13 1.38 8.02
CA ILE A 158 3.95 0.19 8.18
C ILE A 158 5.24 0.37 9.02
N PRO A 159 6.20 1.28 8.68
CA PRO A 159 7.41 1.43 9.50
C PRO A 159 7.14 1.82 10.95
N THR A 160 6.15 2.72 11.20
CA THR A 160 5.76 3.14 12.54
C THR A 160 5.18 1.96 13.33
N LEU A 161 4.35 1.13 12.66
CA LEU A 161 3.77 -0.08 13.26
C LEU A 161 4.86 -1.11 13.55
N ALA A 162 5.79 -1.30 12.59
CA ALA A 162 6.91 -2.24 12.70
C ALA A 162 7.85 -1.92 13.86
N VAL A 163 8.00 -0.61 14.20
CA VAL A 163 8.80 -0.12 15.33
C VAL A 163 8.17 -0.60 16.65
N LEU A 164 6.83 -0.62 16.72
CA LEU A 164 6.10 -1.10 17.90
C LEU A 164 6.13 -2.63 17.97
N VAL A 165 5.94 -3.30 16.82
CA VAL A 165 5.94 -4.77 16.70
C VAL A 165 7.31 -5.36 17.11
N MET A 166 8.42 -4.71 16.71
CA MET A 166 9.79 -5.14 17.04
C MET A 166 10.08 -5.16 18.55
N GLN A 167 9.32 -4.38 19.35
CA GLN A 167 9.41 -4.30 20.80
C GLN A 167 8.61 -5.43 21.48
N ASP A 168 7.74 -6.13 20.72
CA ASP A 168 6.92 -7.24 21.20
C ASP A 168 7.56 -8.59 20.79
N PRO A 169 8.19 -9.33 21.75
CA PRO A 169 8.83 -10.61 21.39
C PRO A 169 7.88 -11.76 21.01
N SER A 170 6.60 -11.66 21.41
CA SER A 170 5.58 -12.68 21.10
C SER A 170 5.22 -12.69 19.60
N MET A 171 5.46 -11.55 18.91
CA MET A 171 5.19 -11.41 17.48
C MET A 171 6.43 -11.79 16.69
N ASN A 172 6.32 -12.80 15.83
CA ASN A 172 7.41 -13.31 15.01
C ASN A 172 7.59 -12.46 13.74
N LEU A 173 7.99 -11.19 13.92
CA LEU A 173 8.22 -10.25 12.82
C LEU A 173 9.44 -10.67 12.01
N GLN A 174 9.27 -10.79 10.69
CA GLN A 174 10.34 -11.23 9.80
C GLN A 174 10.67 -10.19 8.73
N GLY A 175 9.74 -9.28 8.46
CA GLY A 175 9.97 -8.24 7.46
C GLY A 175 8.81 -7.32 7.16
N LEU A 176 9.07 -6.36 6.27
CA LEU A 176 8.11 -5.35 5.83
C LEU A 176 8.30 -4.97 4.36
N ALA A 177 7.18 -4.76 3.64
CA ALA A 177 7.18 -4.37 2.24
C ALA A 177 6.24 -3.18 2.03
N VAL A 178 6.72 -2.14 1.32
CA VAL A 178 5.93 -0.94 1.07
C VAL A 178 5.85 -0.67 -0.44
N GLY A 179 4.62 -0.61 -0.97
CA GLY A 179 4.35 -0.36 -2.38
C GLY A 179 4.00 1.08 -2.68
N ASN A 180 4.82 1.74 -3.55
CA ASN A 180 4.66 3.14 -3.93
C ASN A 180 4.32 3.98 -2.70
N GLY A 181 5.18 3.87 -1.68
CA GLY A 181 4.96 4.48 -0.39
C GLY A 181 5.55 5.85 -0.17
N LEU A 182 4.91 6.60 0.74
CA LEU A 182 5.35 7.91 1.15
C LEU A 182 6.37 7.68 2.27
N SER A 183 7.66 7.84 1.95
CA SER A 183 8.76 7.65 2.90
C SER A 183 9.34 8.99 3.36
N SER A 184 9.34 9.99 2.46
CA SER A 184 9.84 11.33 2.72
C SER A 184 9.16 12.31 1.80
N TYR A 185 8.55 13.37 2.37
CA TYR A 185 7.86 14.43 1.62
C TYR A 185 8.85 15.19 0.74
N GLU A 186 10.06 15.48 1.26
CA GLU A 186 11.13 16.19 0.57
C GLU A 186 11.67 15.40 -0.63
N GLN A 187 11.94 14.10 -0.44
CA GLN A 187 12.44 13.22 -1.50
C GLN A 187 11.37 13.02 -2.57
N ASN A 188 10.09 12.91 -2.17
CA ASN A 188 8.95 12.74 -3.07
C ASN A 188 8.70 13.99 -3.93
N ASP A 189 8.66 15.18 -3.28
CA ASP A 189 8.41 16.48 -3.94
C ASP A 189 9.51 16.86 -4.93
N ASN A 190 10.79 16.65 -4.56
CA ASN A 190 11.94 16.97 -5.40
C ASN A 190 12.01 16.07 -6.62
N SER A 191 11.84 14.74 -6.42
CA SER A 191 11.87 13.75 -7.50
C SER A 191 10.72 13.90 -8.50
N LEU A 192 9.51 14.29 -8.00
CA LEU A 192 8.31 14.46 -8.84
C LEU A 192 8.47 15.57 -9.90
N VAL A 193 9.10 16.70 -9.52
CA VAL A 193 9.35 17.82 -10.44
C VAL A 193 10.27 17.34 -11.57
N TYR A 194 11.32 16.57 -11.22
CA TYR A 194 12.25 15.95 -12.17
C TYR A 194 11.48 14.93 -13.03
N PHE A 195 10.60 14.12 -12.39
CA PHE A 195 9.77 13.12 -13.06
C PHE A 195 8.87 13.78 -14.10
N ALA A 196 8.19 14.89 -13.72
CA ALA A 196 7.28 15.65 -14.58
C ALA A 196 7.94 16.17 -15.85
N TYR A 197 9.13 16.82 -15.75
CA TYR A 197 9.83 17.34 -16.92
C TYR A 197 10.34 16.24 -17.85
N TYR A 198 11.03 15.22 -17.29
CA TYR A 198 11.59 14.14 -18.09
C TYR A 198 10.58 13.13 -18.65
N HIS A 199 9.30 13.24 -18.23
CA HIS A 199 8.21 12.44 -18.77
C HIS A 199 7.38 13.29 -19.77
N GLY A 200 7.87 14.49 -20.06
CA GLY A 200 7.29 15.41 -21.03
C GLY A 200 6.00 16.11 -20.65
N LEU A 201 5.83 16.46 -19.38
CA LEU A 201 4.64 17.17 -18.89
C LEU A 201 4.89 18.67 -18.82
N LEU A 202 6.16 19.05 -18.63
CA LEU A 202 6.58 20.44 -18.55
C LEU A 202 7.51 20.73 -19.72
N GLY A 203 7.48 21.95 -20.22
CA GLY A 203 8.33 22.36 -21.34
C GLY A 203 9.69 22.86 -20.92
N ASN A 204 10.49 23.28 -21.91
CA ASN A 204 11.83 23.82 -21.69
C ASN A 204 11.78 25.17 -20.99
N ARG A 205 10.73 25.97 -21.28
CA ARG A 205 10.52 27.30 -20.69
C ARG A 205 10.23 27.21 -19.19
N LEU A 206 9.37 26.26 -18.77
CA LEU A 206 9.05 26.05 -17.35
C LEU A 206 10.22 25.44 -16.61
N TRP A 207 10.95 24.50 -17.26
CA TRP A 207 12.11 23.83 -16.68
C TRP A 207 13.31 24.76 -16.51
N SER A 208 13.62 25.60 -17.52
CA SER A 208 14.72 26.58 -17.47
C SER A 208 14.49 27.52 -16.30
N SER A 209 13.23 27.95 -16.09
CA SER A 209 12.80 28.80 -15.00
C SER A 209 12.95 28.07 -13.66
N LEU A 210 12.65 26.75 -13.62
CA LEU A 210 12.80 25.94 -12.40
C LEU A 210 14.27 25.75 -12.04
N GLN A 211 15.13 25.45 -13.04
CA GLN A 211 16.58 25.24 -12.87
C GLN A 211 17.30 26.52 -12.42
N THR A 212 16.90 27.67 -12.95
CA THR A 212 17.50 28.97 -12.64
C THR A 212 17.11 29.47 -11.25
N HIS A 213 15.81 29.40 -10.91
CA HIS A 213 15.25 29.92 -9.67
C HIS A 213 15.21 29.00 -8.44
N CYS A 214 14.76 27.73 -8.61
CA CYS A 214 14.65 26.76 -7.51
C CYS A 214 15.99 26.14 -7.11
N CYS A 215 16.96 26.13 -8.04
CA CYS A 215 18.23 25.44 -7.86
C CYS A 215 19.48 26.31 -7.69
N SER A 216 20.54 25.68 -7.16
CA SER A 216 21.87 26.24 -6.96
C SER A 216 22.86 25.21 -7.53
N GLN A 217 23.47 25.55 -8.69
CA GLN A 217 24.40 24.71 -9.47
C GLN A 217 23.79 23.37 -9.90
N ASN A 218 23.87 22.34 -9.02
CA ASN A 218 23.34 21.00 -9.27
C ASN A 218 22.13 20.66 -8.38
N LYS A 219 22.21 21.02 -7.08
CA LYS A 219 21.17 20.75 -6.08
C LYS A 219 19.94 21.63 -6.27
N CYS A 220 18.75 21.00 -6.30
CA CYS A 220 17.45 21.65 -6.49
C CYS A 220 16.59 21.53 -5.24
N ASN A 221 15.83 22.60 -4.93
CA ASN A 221 14.89 22.61 -3.81
C ASN A 221 13.49 22.94 -4.32
N PHE A 222 12.65 21.90 -4.44
CA PHE A 222 11.28 21.99 -4.89
C PHE A 222 10.31 21.63 -3.75
N TYR A 223 10.84 21.52 -2.51
CA TYR A 223 10.09 21.14 -1.31
C TYR A 223 9.65 22.31 -0.44
N ASP A 224 10.60 23.10 0.09
CA ASP A 224 10.31 24.24 0.97
C ASP A 224 10.99 25.55 0.54
N ASN A 225 11.25 25.70 -0.79
CA ASN A 225 11.90 26.88 -1.36
C ASN A 225 11.01 28.12 -1.23
N LYS A 226 11.63 29.27 -0.97
CA LYS A 226 10.92 30.54 -0.82
C LYS A 226 11.20 31.56 -1.94
N ASP A 227 11.99 31.17 -2.96
CA ASP A 227 12.30 32.00 -4.13
C ASP A 227 10.97 32.28 -4.86
N LEU A 228 10.73 33.55 -5.21
CA LEU A 228 9.49 34.02 -5.82
C LEU A 228 9.08 33.38 -7.14
N GLU A 229 9.99 33.36 -8.14
CA GLU A 229 9.70 32.73 -9.44
C GLU A 229 9.57 31.20 -9.27
N CYS A 230 10.31 30.63 -8.30
CA CYS A 230 10.29 29.20 -7.96
C CYS A 230 8.92 28.72 -7.50
N VAL A 231 8.31 29.41 -6.50
CA VAL A 231 7.00 29.08 -5.94
C VAL A 231 5.91 29.19 -7.03
N THR A 232 6.05 30.16 -7.95
CA THR A 232 5.15 30.39 -9.09
C THR A 232 5.22 29.18 -10.05
N ASN A 233 6.44 28.76 -10.42
CA ASN A 233 6.69 27.63 -11.32
C ASN A 233 6.19 26.31 -10.74
N LEU A 234 6.36 26.11 -9.42
CA LEU A 234 5.92 24.90 -8.70
C LEU A 234 4.39 24.79 -8.62
N GLN A 235 3.69 25.95 -8.61
CA GLN A 235 2.23 26.01 -8.59
C GLN A 235 1.68 25.53 -9.95
N GLU A 236 2.42 25.81 -11.03
CA GLU A 236 2.09 25.40 -12.40
C GLU A 236 2.36 23.89 -12.56
N VAL A 237 3.47 23.38 -11.96
CA VAL A 237 3.85 21.96 -11.97
C VAL A 237 2.73 21.13 -11.29
N ALA A 238 2.26 21.58 -10.11
CA ALA A 238 1.18 20.96 -9.35
C ALA A 238 -0.13 20.92 -10.14
N ARG A 239 -0.38 21.97 -10.96
CA ARG A 239 -1.58 22.07 -11.80
C ARG A 239 -1.52 21.07 -12.97
N ILE A 240 -0.36 20.97 -13.66
CA ILE A 240 -0.17 20.04 -14.78
C ILE A 240 -0.23 18.57 -14.31
N VAL A 241 0.53 18.23 -13.26
CA VAL A 241 0.63 16.89 -12.69
C VAL A 241 -0.69 16.37 -12.06
N GLY A 242 -1.30 17.16 -11.18
CA GLY A 242 -2.50 16.76 -10.45
C GLY A 242 -3.87 17.26 -10.87
N ASN A 243 -3.96 18.46 -11.47
CA ASN A 243 -5.28 19.01 -11.83
C ASN A 243 -5.45 19.46 -13.30
N SER A 244 -4.95 18.67 -14.26
CA SER A 244 -5.08 19.00 -15.68
C SER A 244 -5.75 17.91 -16.54
N GLY A 245 -5.98 16.74 -15.95
CA GLY A 245 -6.59 15.61 -16.63
C GLY A 245 -5.70 14.40 -16.76
N LEU A 246 -4.46 14.49 -16.25
CA LEU A 246 -3.51 13.38 -16.25
C LEU A 246 -3.79 12.52 -15.02
N ASN A 247 -3.76 11.20 -15.19
CA ASN A 247 -3.97 10.29 -14.06
C ASN A 247 -2.67 10.26 -13.27
N ILE A 248 -2.70 10.83 -12.03
CA ILE A 248 -1.54 10.91 -11.14
C ILE A 248 -1.07 9.51 -10.68
N TYR A 249 -1.99 8.53 -10.66
CA TYR A 249 -1.70 7.17 -10.22
C TYR A 249 -1.07 6.31 -11.30
N ASN A 250 -1.24 6.69 -12.58
CA ASN A 250 -0.68 6.00 -13.74
C ASN A 250 -0.70 6.96 -14.91
N LEU A 251 0.45 7.55 -15.23
CA LEU A 251 0.62 8.54 -16.29
C LEU A 251 0.10 8.09 -17.67
N TYR A 252 0.32 6.82 -18.02
CA TYR A 252 -0.09 6.26 -19.32
C TYR A 252 -1.49 5.64 -19.37
N ALA A 253 -2.24 5.71 -18.26
CA ALA A 253 -3.60 5.21 -18.18
C ALA A 253 -4.59 6.37 -18.36
N PRO A 254 -5.83 6.15 -18.84
CA PRO A 254 -6.78 7.26 -18.96
C PRO A 254 -7.30 7.72 -17.59
N CYS A 255 -7.84 8.95 -17.54
CA CYS A 255 -8.43 9.52 -16.35
C CYS A 255 -9.91 9.13 -16.35
N ALA A 256 -10.34 8.31 -15.37
CA ALA A 256 -11.72 7.84 -15.25
C ALA A 256 -12.67 9.02 -15.06
N GLY A 257 -13.66 9.12 -15.95
CA GLY A 257 -14.62 10.21 -15.97
C GLY A 257 -14.24 11.32 -16.94
N GLY A 258 -13.10 11.15 -17.62
CA GLY A 258 -12.57 12.11 -18.59
C GLY A 258 -11.89 13.31 -17.97
N VAL A 259 -11.35 14.20 -18.84
CA VAL A 259 -10.65 15.42 -18.43
C VAL A 259 -11.69 16.48 -17.98
N PRO A 260 -11.53 17.09 -16.77
CA PRO A 260 -12.52 18.10 -16.32
C PRO A 260 -12.56 19.37 -17.17
N MET B 1 -15.49 11.37 -2.11
CA MET B 1 -15.16 10.04 -1.59
C MET B 1 -14.14 9.28 -2.47
N ASP B 2 -14.03 9.65 -3.75
CA ASP B 2 -13.13 9.01 -4.70
C ASP B 2 -11.93 9.89 -5.07
N PRO B 3 -10.69 9.34 -5.04
CA PRO B 3 -9.52 10.13 -5.45
C PRO B 3 -9.59 10.51 -6.94
N PRO B 4 -8.97 11.62 -7.40
CA PRO B 4 -9.09 12.01 -8.82
C PRO B 4 -8.62 10.95 -9.81
N CYS B 5 -9.31 10.88 -10.97
CA CYS B 5 -9.04 9.96 -12.09
C CYS B 5 -9.26 8.47 -11.78
N THR B 6 -9.87 8.15 -10.62
CA THR B 6 -10.13 6.77 -10.20
C THR B 6 -11.62 6.46 -10.19
N ASN B 7 -11.96 5.20 -10.48
CA ASN B 7 -13.34 4.73 -10.48
C ASN B 7 -13.42 3.48 -9.60
N THR B 8 -14.06 3.62 -8.43
CA THR B 8 -14.20 2.55 -7.45
C THR B 8 -15.65 2.05 -7.29
N THR B 9 -16.49 2.27 -8.33
CA THR B 9 -17.91 1.88 -8.36
C THR B 9 -18.12 0.37 -8.21
N ALA B 10 -17.30 -0.46 -8.91
CA ALA B 10 -17.39 -1.93 -8.88
C ALA B 10 -17.28 -2.50 -7.46
N ALA B 11 -16.24 -2.10 -6.70
CA ALA B 11 -16.04 -2.56 -5.32
C ALA B 11 -17.08 -1.98 -4.37
N SER B 12 -17.50 -0.71 -4.61
CA SER B 12 -18.51 0.00 -3.82
C SER B 12 -19.89 -0.65 -3.98
N THR B 13 -20.28 -0.98 -5.22
CA THR B 13 -21.57 -1.64 -5.54
C THR B 13 -21.62 -3.03 -4.90
N TYR B 14 -20.49 -3.76 -4.93
CA TYR B 14 -20.39 -5.09 -4.34
C TYR B 14 -20.51 -5.08 -2.82
N LEU B 15 -19.67 -4.30 -2.12
CA LEU B 15 -19.64 -4.23 -0.66
C LEU B 15 -20.88 -3.59 -0.01
N ASN B 16 -21.65 -2.80 -0.78
CA ASN B 16 -22.87 -2.16 -0.30
C ASN B 16 -24.12 -3.02 -0.48
N ASN B 17 -23.97 -4.20 -1.10
CA ASN B 17 -25.06 -5.15 -1.28
C ASN B 17 -25.40 -5.74 0.11
N PRO B 18 -26.66 -5.63 0.58
CA PRO B 18 -27.00 -6.12 1.93
C PRO B 18 -26.60 -7.57 2.25
N TYR B 19 -26.70 -8.48 1.26
CA TYR B 19 -26.35 -9.89 1.41
C TYR B 19 -24.83 -10.10 1.55
N VAL B 20 -24.03 -9.21 0.92
CA VAL B 20 -22.57 -9.23 1.00
C VAL B 20 -22.17 -8.80 2.43
N ARG B 21 -22.82 -7.74 2.95
CA ARG B 21 -22.61 -7.22 4.30
C ARG B 21 -22.94 -8.29 5.35
N LYS B 22 -24.02 -9.07 5.13
CA LYS B 22 -24.43 -10.17 6.01
C LYS B 22 -23.39 -11.29 6.01
N ALA B 23 -22.89 -11.67 4.81
CA ALA B 23 -21.87 -12.70 4.60
C ALA B 23 -20.53 -12.30 5.23
N LEU B 24 -20.25 -10.99 5.28
CA LEU B 24 -19.02 -10.45 5.86
C LEU B 24 -19.16 -10.09 7.35
N ASN B 25 -20.32 -10.44 7.95
CA ASN B 25 -20.65 -10.23 9.37
C ASN B 25 -20.60 -8.75 9.78
N ILE B 26 -21.14 -7.88 8.91
CA ILE B 26 -21.18 -6.44 9.14
C ILE B 26 -22.48 -6.05 9.85
N PRO B 27 -22.41 -5.37 11.02
CA PRO B 27 -23.65 -4.94 11.69
C PRO B 27 -24.44 -3.98 10.80
N GLU B 28 -25.76 -4.24 10.69
CA GLU B 28 -26.70 -3.49 9.86
C GLU B 28 -26.80 -1.98 10.13
N GLN B 29 -26.59 -1.56 11.39
CA GLN B 29 -26.66 -0.14 11.79
C GLN B 29 -25.52 0.74 11.26
N LEU B 30 -24.42 0.12 10.79
CA LEU B 30 -23.26 0.85 10.26
C LEU B 30 -23.53 1.57 8.94
N PRO B 31 -22.98 2.79 8.73
CA PRO B 31 -23.24 3.52 7.48
C PRO B 31 -22.68 2.84 6.22
N GLN B 32 -23.05 3.36 5.04
CA GLN B 32 -22.62 2.83 3.73
C GLN B 32 -21.10 2.73 3.58
N TRP B 33 -20.66 1.75 2.79
CA TRP B 33 -19.24 1.53 2.54
C TRP B 33 -18.72 2.48 1.48
N ASP B 34 -17.65 3.22 1.83
CA ASP B 34 -16.95 4.14 0.95
C ASP B 34 -15.50 3.68 0.86
N MET B 35 -14.92 3.74 -0.34
CA MET B 35 -13.52 3.36 -0.60
C MET B 35 -12.55 4.17 0.22
N CYS B 36 -12.76 5.48 0.24
CA CYS B 36 -11.94 6.43 0.97
C CYS B 36 -12.84 7.37 1.76
N ASN B 37 -12.59 7.48 3.07
CA ASN B 37 -13.37 8.33 3.95
C ASN B 37 -12.79 9.75 3.94
N PHE B 38 -13.56 10.71 3.39
CA PHE B 38 -13.15 12.11 3.30
C PHE B 38 -12.95 12.75 4.68
N LEU B 39 -13.85 12.45 5.64
CA LEU B 39 -13.79 12.99 7.00
C LEU B 39 -12.56 12.54 7.77
N VAL B 40 -12.14 11.26 7.60
CA VAL B 40 -10.93 10.70 8.23
C VAL B 40 -9.70 11.45 7.68
N ASN B 41 -9.64 11.64 6.35
CA ASN B 41 -8.55 12.34 5.66
C ASN B 41 -8.44 13.81 6.08
N LEU B 42 -9.59 14.53 6.11
CA LEU B 42 -9.67 15.95 6.49
C LEU B 42 -9.16 16.19 7.93
N GLN B 43 -9.57 15.34 8.87
CA GLN B 43 -9.23 15.41 10.29
C GLN B 43 -7.87 14.81 10.63
N TYR B 44 -7.25 14.08 9.68
CA TYR B 44 -5.96 13.41 9.91
C TYR B 44 -4.81 14.40 10.11
N ARG B 45 -4.09 14.24 11.24
CA ARG B 45 -2.93 15.08 11.54
C ARG B 45 -1.66 14.29 11.21
N ARG B 46 -0.98 14.69 10.13
CA ARG B 46 0.29 14.10 9.69
C ARG B 46 1.38 14.59 10.64
N LEU B 47 2.15 13.67 11.23
CA LEU B 47 3.19 14.02 12.21
C LEU B 47 4.60 13.88 11.70
N TYR B 48 4.90 12.77 11.00
CA TYR B 48 6.22 12.49 10.47
C TYR B 48 6.41 13.01 9.06
N ARG B 49 7.60 13.56 8.77
CA ARG B 49 7.96 14.08 7.46
C ARG B 49 8.91 13.12 6.73
N SER B 50 9.58 12.23 7.50
CA SER B 50 10.52 11.23 6.98
C SER B 50 10.50 9.96 7.82
N MET B 51 10.65 8.80 7.16
CA MET B 51 10.67 7.50 7.82
C MET B 51 12.11 7.01 8.05
N ASN B 52 13.10 7.89 7.78
CA ASN B 52 14.54 7.62 7.92
C ASN B 52 14.89 6.98 9.27
N SER B 53 14.44 7.59 10.38
CA SER B 53 14.68 7.10 11.75
C SER B 53 14.00 5.74 12.01
N GLN B 54 12.77 5.54 11.49
CA GLN B 54 12.02 4.28 11.63
C GLN B 54 12.74 3.12 10.96
N TYR B 55 13.19 3.32 9.70
CA TYR B 55 13.91 2.30 8.93
C TYR B 55 15.27 1.98 9.54
N LEU B 56 16.00 3.01 10.01
CA LEU B 56 17.31 2.82 10.67
C LEU B 56 17.16 2.06 11.99
N LYS B 57 16.03 2.26 12.70
CA LYS B 57 15.71 1.55 13.95
C LYS B 57 15.42 0.09 13.63
N LEU B 58 14.68 -0.17 12.53
CA LEU B 58 14.34 -1.53 12.08
C LEU B 58 15.55 -2.30 11.55
N LEU B 59 16.46 -1.59 10.85
CA LEU B 59 17.67 -2.19 10.27
C LEU B 59 18.76 -2.47 11.31
N SER B 60 18.77 -1.74 12.45
CA SER B 60 19.75 -1.89 13.53
C SER B 60 19.82 -3.30 14.11
N SER B 61 18.64 -3.94 14.30
CA SER B 61 18.53 -5.28 14.85
C SER B 61 19.04 -6.36 13.89
N GLN B 62 19.03 -6.09 12.55
CA GLN B 62 19.45 -7.00 11.47
C GLN B 62 18.63 -8.31 11.45
N LYS B 63 17.41 -8.26 12.01
CA LYS B 63 16.48 -9.39 12.13
C LYS B 63 15.40 -9.39 11.04
N TYR B 64 15.20 -8.23 10.37
CA TYR B 64 14.13 -8.08 9.38
C TYR B 64 14.59 -7.71 7.98
N GLN B 65 13.88 -8.25 6.97
CA GLN B 65 14.13 -7.98 5.56
C GLN B 65 13.14 -6.91 5.11
N ILE B 66 13.65 -5.82 4.55
CA ILE B 66 12.81 -4.70 4.12
C ILE B 66 12.78 -4.55 2.60
N LEU B 67 11.58 -4.27 2.05
CA LEU B 67 11.39 -4.07 0.63
C LEU B 67 10.57 -2.81 0.35
N LEU B 68 11.07 -1.97 -0.55
CA LEU B 68 10.36 -0.78 -1.04
C LEU B 68 10.21 -0.97 -2.54
N TYR B 69 8.97 -1.19 -2.99
CA TYR B 69 8.68 -1.42 -4.39
C TYR B 69 7.79 -0.34 -4.98
N ASN B 70 8.16 0.18 -6.17
CA ASN B 70 7.39 1.24 -6.80
C ASN B 70 7.15 1.01 -8.27
N GLY B 71 5.91 1.24 -8.68
CA GLY B 71 5.54 1.23 -10.09
C GLY B 71 6.14 2.49 -10.68
N ASP B 72 6.97 2.35 -11.73
CA ASP B 72 7.69 3.48 -12.33
C ASP B 72 6.88 4.50 -13.14
N VAL B 73 5.58 4.26 -13.37
CA VAL B 73 4.74 5.21 -14.11
C VAL B 73 3.76 6.00 -13.21
N ASP B 74 3.90 5.80 -11.88
CA ASP B 74 3.13 6.48 -10.85
C ASP B 74 3.73 7.86 -10.57
N MET B 75 2.88 8.86 -10.34
CA MET B 75 3.29 10.23 -10.03
C MET B 75 2.94 10.64 -8.60
N ALA B 76 2.06 9.86 -7.91
CA ALA B 76 1.64 10.14 -6.52
C ALA B 76 2.80 9.92 -5.55
N CYS B 77 3.47 8.76 -5.66
CA CYS B 77 4.66 8.38 -4.87
C CYS B 77 5.61 7.75 -5.88
N ASN B 78 6.25 8.60 -6.70
CA ASN B 78 7.15 8.18 -7.77
C ASN B 78 8.32 7.32 -7.29
N PHE B 79 8.80 6.42 -8.17
CA PHE B 79 9.89 5.49 -7.92
C PHE B 79 11.19 6.15 -7.48
N MET B 80 11.53 7.32 -8.07
CA MET B 80 12.78 8.03 -7.79
C MET B 80 12.92 8.50 -6.36
N GLY B 81 11.83 9.03 -5.78
CA GLY B 81 11.78 9.48 -4.39
C GLY B 81 12.12 8.37 -3.42
N ASP B 82 11.56 7.17 -3.65
CA ASP B 82 11.82 6.01 -2.80
C ASP B 82 13.21 5.41 -3.05
N GLU B 83 13.72 5.48 -4.31
CA GLU B 83 15.08 5.01 -4.66
C GLU B 83 16.09 5.90 -3.94
N TRP B 84 15.87 7.23 -3.96
CA TRP B 84 16.69 8.24 -3.28
C TRP B 84 16.70 7.96 -1.78
N PHE B 85 15.49 7.68 -1.22
CA PHE B 85 15.28 7.37 0.20
C PHE B 85 16.06 6.15 0.67
N VAL B 86 15.97 5.01 -0.06
CA VAL B 86 16.67 3.76 0.28
C VAL B 86 18.19 3.97 0.23
N ASP B 87 18.68 4.64 -0.84
CA ASP B 87 20.11 4.96 -1.00
C ASP B 87 20.64 5.86 0.12
N SER B 88 19.83 6.84 0.58
N SER B 88 19.82 6.84 0.58
CA SER B 88 20.18 7.79 1.65
CA SER B 88 20.16 7.78 1.65
C SER B 88 20.30 7.13 3.03
C SER B 88 20.29 7.14 3.03
N LEU B 89 19.76 5.90 3.20
CA LEU B 89 19.84 5.13 4.45
C LEU B 89 21.28 4.64 4.69
N ASN B 90 22.11 4.65 3.62
CA ASN B 90 23.53 4.33 3.58
C ASN B 90 23.88 3.01 4.27
N GLN B 91 23.19 1.93 3.86
CA GLN B 91 23.40 0.60 4.44
C GLN B 91 24.57 -0.12 3.82
N LYS B 92 25.14 -1.10 4.57
CA LYS B 92 26.28 -1.92 4.15
C LYS B 92 25.86 -2.94 3.09
N MET B 93 26.84 -3.70 2.54
CA MET B 93 26.64 -4.74 1.52
C MET B 93 25.89 -4.24 0.27
N GLU B 94 26.27 -3.04 -0.22
CA GLU B 94 25.67 -2.43 -1.40
C GLU B 94 25.99 -3.28 -2.64
N VAL B 95 24.95 -3.66 -3.37
CA VAL B 95 25.04 -4.48 -4.58
C VAL B 95 24.83 -3.55 -5.78
N GLN B 96 25.42 -3.93 -6.94
CA GLN B 96 25.30 -3.21 -8.20
C GLN B 96 23.83 -3.30 -8.64
N ARG B 97 23.27 -2.17 -9.14
CA ARG B 97 21.88 -2.11 -9.62
C ARG B 97 21.74 -3.05 -10.81
N ARG B 98 20.74 -3.93 -10.76
CA ARG B 98 20.53 -4.96 -11.77
C ARG B 98 19.07 -5.09 -12.19
N PRO B 99 18.75 -5.56 -13.42
CA PRO B 99 17.35 -5.80 -13.75
C PRO B 99 16.85 -7.10 -13.12
N TRP B 100 15.55 -7.18 -12.85
CA TRP B 100 14.96 -8.41 -12.31
C TRP B 100 13.99 -8.98 -13.33
N LEU B 101 14.02 -10.31 -13.54
CA LEU B 101 13.23 -10.99 -14.56
C LEU B 101 11.98 -11.73 -14.08
N VAL B 102 11.00 -11.82 -14.99
CA VAL B 102 9.73 -12.54 -14.84
C VAL B 102 9.46 -13.29 -16.15
N LYS B 103 9.14 -14.59 -16.06
CA LYS B 103 8.83 -15.40 -17.24
C LYS B 103 7.35 -15.26 -17.58
N TYR B 104 7.06 -14.76 -18.79
CA TYR B 104 5.69 -14.57 -19.28
C TYR B 104 5.36 -15.67 -20.29
N GLY B 105 4.51 -16.62 -19.87
CA GLY B 105 4.04 -17.77 -20.66
C GLY B 105 4.97 -18.25 -21.74
N ASP B 106 4.59 -18.03 -23.01
CA ASP B 106 5.38 -18.38 -24.20
C ASP B 106 6.16 -17.16 -24.73
N SER B 107 5.88 -15.96 -24.16
CA SER B 107 6.53 -14.69 -24.50
C SER B 107 7.96 -14.59 -23.92
N GLY B 108 8.36 -15.61 -23.16
CA GLY B 108 9.68 -15.72 -22.55
C GLY B 108 9.96 -14.80 -21.39
N GLU B 109 11.23 -14.77 -20.96
CA GLU B 109 11.73 -13.95 -19.86
C GLU B 109 11.72 -12.47 -20.28
N GLN B 110 11.24 -11.60 -19.39
CA GLN B 110 11.16 -10.15 -19.64
C GLN B 110 11.65 -9.39 -18.41
N ILE B 111 12.21 -8.18 -18.64
CA ILE B 111 12.66 -7.32 -17.55
C ILE B 111 11.41 -6.74 -16.89
N ALA B 112 11.18 -7.10 -15.62
CA ALA B 112 10.01 -6.65 -14.87
C ALA B 112 10.28 -5.31 -14.18
N GLY B 113 11.56 -4.96 -14.08
CA GLY B 113 12.04 -3.73 -13.48
C GLY B 113 13.48 -3.85 -13.06
N PHE B 114 13.91 -2.99 -12.12
CA PHE B 114 15.29 -2.98 -11.62
C PHE B 114 15.36 -3.07 -10.11
N VAL B 115 16.39 -3.78 -9.59
CA VAL B 115 16.62 -4.00 -8.16
C VAL B 115 17.92 -3.37 -7.66
N LYS B 116 17.82 -2.58 -6.58
CA LYS B 116 18.95 -1.96 -5.90
C LYS B 116 18.96 -2.52 -4.48
N GLU B 117 19.91 -3.45 -4.23
CA GLU B 117 20.02 -4.17 -2.96
C GLU B 117 21.15 -3.70 -2.05
N PHE B 118 20.88 -3.74 -0.74
CA PHE B 118 21.79 -3.44 0.37
C PHE B 118 21.53 -4.55 1.41
N SER B 119 22.28 -4.56 2.53
CA SER B 119 22.08 -5.54 3.60
C SER B 119 20.69 -5.31 4.21
N HIS B 120 19.85 -6.38 4.25
CA HIS B 120 18.49 -6.40 4.82
C HIS B 120 17.47 -5.45 4.17
N ILE B 121 17.84 -4.75 3.09
CA ILE B 121 16.96 -3.81 2.40
C ILE B 121 17.18 -3.76 0.88
N ALA B 122 16.09 -3.78 0.11
CA ALA B 122 16.13 -3.71 -1.34
C ALA B 122 15.08 -2.76 -1.89
N PHE B 123 15.45 -1.99 -2.92
CA PHE B 123 14.54 -1.10 -3.62
C PHE B 123 14.26 -1.71 -4.99
N LEU B 124 12.97 -1.78 -5.38
CA LEU B 124 12.56 -2.35 -6.66
C LEU B 124 11.64 -1.45 -7.46
N THR B 125 11.84 -1.43 -8.78
CA THR B 125 10.94 -0.74 -9.70
C THR B 125 10.11 -1.83 -10.38
N ILE B 126 8.87 -1.50 -10.74
CA ILE B 126 8.00 -2.39 -11.50
C ILE B 126 7.69 -1.62 -12.77
N LYS B 127 8.38 -1.99 -13.85
CA LYS B 127 8.30 -1.35 -15.17
C LYS B 127 6.92 -1.38 -15.78
N GLY B 128 6.38 -0.19 -16.05
CA GLY B 128 5.07 -0.02 -16.66
C GLY B 128 3.89 -0.04 -15.71
N ALA B 129 4.15 -0.22 -14.41
CA ALA B 129 3.11 -0.25 -13.38
C ALA B 129 2.94 1.12 -12.74
N GLY B 130 1.72 1.43 -12.33
CA GLY B 130 1.41 2.69 -11.67
C GLY B 130 1.43 2.54 -10.16
N HIS B 131 0.59 3.33 -9.48
CA HIS B 131 0.44 3.38 -8.03
C HIS B 131 -0.01 2.05 -7.43
N MET B 132 -0.79 1.27 -8.19
N MET B 132 -0.79 1.27 -8.20
CA MET B 132 -1.30 -0.02 -7.75
CA MET B 132 -1.32 -0.03 -7.81
C MET B 132 -0.65 -1.16 -8.52
C MET B 132 -0.62 -1.14 -8.58
N VAL B 133 0.61 -1.47 -8.16
CA VAL B 133 1.47 -2.52 -8.74
C VAL B 133 0.75 -3.86 -9.00
N PRO B 134 0.02 -4.47 -8.02
CA PRO B 134 -0.66 -5.74 -8.29
C PRO B 134 -1.83 -5.67 -9.28
N THR B 135 -2.44 -4.48 -9.46
CA THR B 135 -3.54 -4.28 -10.42
C THR B 135 -2.96 -4.20 -11.84
N ASP B 136 -1.89 -3.41 -12.03
CA ASP B 136 -1.25 -3.16 -13.32
C ASP B 136 -0.37 -4.30 -13.83
N LYS B 137 0.44 -4.88 -12.94
CA LYS B 137 1.35 -5.99 -13.26
C LYS B 137 1.15 -7.12 -12.22
N PRO B 138 0.04 -7.90 -12.29
CA PRO B 138 -0.19 -8.94 -11.28
C PRO B 138 0.85 -10.07 -11.20
N LEU B 139 1.37 -10.54 -12.36
CA LEU B 139 2.38 -11.60 -12.38
C LEU B 139 3.71 -11.12 -11.81
N ALA B 140 4.16 -9.91 -12.19
CA ALA B 140 5.39 -9.30 -11.67
C ALA B 140 5.29 -9.09 -10.17
N ALA B 141 4.10 -8.62 -9.68
CA ALA B 141 3.84 -8.38 -8.26
C ALA B 141 3.87 -9.66 -7.45
N PHE B 142 3.29 -10.77 -7.96
CA PHE B 142 3.30 -12.06 -7.27
C PHE B 142 4.72 -12.62 -7.18
N THR B 143 5.49 -12.54 -8.30
CA THR B 143 6.87 -13.03 -8.39
C THR B 143 7.76 -12.33 -7.35
N MET B 144 7.61 -10.98 -7.25
CA MET B 144 8.33 -10.14 -6.29
C MET B 144 7.91 -10.49 -4.86
N PHE B 145 6.59 -10.66 -4.61
CA PHE B 145 6.05 -11.01 -3.29
C PHE B 145 6.56 -12.36 -2.80
N SER B 146 6.63 -13.36 -3.70
CA SER B 146 7.12 -14.70 -3.42
C SER B 146 8.60 -14.69 -3.05
N ARG B 147 9.42 -13.92 -3.79
CA ARG B 147 10.85 -13.78 -3.55
C ARG B 147 11.11 -13.07 -2.20
N PHE B 148 10.26 -12.09 -1.85
CA PHE B 148 10.31 -11.34 -0.59
C PHE B 148 10.04 -12.24 0.62
N LEU B 149 8.92 -13.01 0.59
CA LEU B 149 8.52 -13.93 1.66
C LEU B 149 9.57 -15.03 1.92
N ASN B 150 10.09 -15.62 0.83
CA ASN B 150 11.07 -16.70 0.87
C ASN B 150 12.52 -16.23 1.04
N LYS B 151 12.74 -14.90 1.17
CA LYS B 151 14.05 -14.24 1.36
C LYS B 151 15.04 -14.58 0.22
N GLN B 152 14.50 -14.74 -1.00
CA GLN B 152 15.25 -15.08 -2.21
C GLN B 152 15.68 -13.81 -2.94
N PRO B 153 16.74 -13.83 -3.81
CA PRO B 153 17.08 -12.62 -4.57
C PRO B 153 15.95 -12.24 -5.54
N TYR B 154 15.79 -10.95 -5.81
CA TYR B 154 14.72 -10.47 -6.68
C TYR B 154 14.95 -10.71 -8.17
N GLU B 155 16.23 -10.86 -8.60
CA GLU B 155 16.65 -11.10 -9.98
C GLU B 155 15.96 -12.31 -10.63
#